data_3QZ4
#
_entry.id   3QZ4
#
_cell.length_a   51.163
_cell.length_b   99.252
_cell.length_c   65.003
_cell.angle_alpha   90.00
_cell.angle_beta   97.92
_cell.angle_gamma   90.00
#
_symmetry.space_group_name_H-M   'P 1 21 1'
#
loop_
_entity.id
_entity.type
_entity.pdbx_description
1 polymer 'Endo-1,4-beta-xylanase D'
2 non-polymer 'UNKNOWN ATOM OR ION'
3 non-polymer '4-(2-HYDROXYETHYL)-1-PIPERAZINE ETHANESULFONIC ACID'
4 non-polymer 1,2-ETHANEDIOL
5 water water
#
_entity_poly.entity_id   1
_entity_poly.type   'polypeptide(L)'
_entity_poly.pdbx_seq_one_letter_code
;GQNKKSGNPILPGFHADPEVLYSHQTKRYYIYPTSDGFPGWGGSYFKVFSSKNLKTWKEETVILE(MSE)GKNVSWANGN
AWAPCIEEKKIDGKYKYFFYYSANPTTNKGKQIGVAVADSPTGPFTDLGKPIITSSPTGRGQQIDVDVFTDPVSGKSYLY
WGNGY(MSE)AGAELNDD(MSE)LSIKEETTVVLTPKGGTLQTYAYREAPYVIYRKGIYYFFWSVDDTGSPNYHVVYGTA
QSPLGPIEVAKEPIVLIQNPKEEIYGPAHNSILQVPGKDKWYIVYHRINKNHLNDGPGWHREVCIDR(MSE)EFNPDGTI
KQVIPTP
;
_entity_poly.pdbx_strand_id   A,B
#
# COMPACT_ATOMS: atom_id res chain seq x y z
N SER A 6 -22.03 22.61 -0.84
CA SER A 6 -20.72 22.03 -0.52
C SER A 6 -20.54 20.66 -1.20
N GLY A 7 -21.61 19.85 -1.21
CA GLY A 7 -21.66 18.54 -1.85
C GLY A 7 -20.75 17.46 -1.29
N ASN A 8 -19.74 17.05 -2.09
CA ASN A 8 -18.78 16.00 -1.75
C ASN A 8 -17.63 16.54 -0.86
N PRO A 9 -17.10 15.73 0.09
CA PRO A 9 -17.48 14.35 0.43
C PRO A 9 -18.74 14.32 1.29
N ILE A 10 -19.51 13.22 1.22
CA ILE A 10 -20.77 13.06 1.96
C ILE A 10 -20.54 12.43 3.35
N LEU A 11 -19.42 11.73 3.53
CA LEU A 11 -19.06 11.13 4.82
C LEU A 11 -17.91 11.91 5.42
N PRO A 12 -17.94 12.21 6.74
CA PRO A 12 -16.82 12.97 7.34
C PRO A 12 -15.59 12.08 7.49
N GLY A 13 -14.43 12.70 7.71
CA GLY A 13 -13.17 11.98 7.88
C GLY A 13 -12.72 11.12 6.72
N PHE A 14 -12.01 10.05 7.03
CA PHE A 14 -11.41 9.17 6.03
C PHE A 14 -12.12 7.84 5.96
N HIS A 15 -12.72 7.58 4.80
CA HIS A 15 -13.50 6.39 4.48
C HIS A 15 -13.29 6.01 3.04
N ALA A 16 -13.35 4.72 2.73
CA ALA A 16 -13.10 4.27 1.37
C ALA A 16 -13.94 3.06 1.00
N ASP A 17 -13.83 2.62 -0.25
CA ASP A 17 -14.46 1.41 -0.79
C ASP A 17 -15.94 1.32 -0.37
N PRO A 18 -16.77 2.35 -0.62
CA PRO A 18 -18.13 2.31 -0.10
C PRO A 18 -19.08 1.36 -0.80
N GLU A 19 -19.93 0.73 0.00
CA GLU A 19 -21.06 -0.07 -0.44
C GLU A 19 -22.25 0.79 -0.10
N VAL A 20 -23.30 0.81 -0.95
CA VAL A 20 -24.51 1.61 -0.70
C VAL A 20 -25.74 0.66 -0.77
N LEU A 21 -26.75 0.92 0.07
CA LEU A 21 -27.95 0.12 0.18
C LEU A 21 -29.15 0.97 0.48
N TYR A 22 -30.29 0.58 -0.08
CA TYR A 22 -31.58 1.16 0.28
C TYR A 22 -32.32 0.06 1.04
N SER A 23 -32.76 0.35 2.26
CA SER A 23 -33.47 -0.65 3.06
C SER A 23 -34.96 -0.46 2.94
N HIS A 24 -35.64 -1.46 2.36
CA HIS A 24 -37.08 -1.46 2.25
C HIS A 24 -37.68 -1.67 3.64
N GLN A 25 -36.87 -2.14 4.63
CA GLN A 25 -37.37 -2.33 5.99
C GLN A 25 -37.49 -1.00 6.72
N THR A 26 -36.41 -0.21 6.69
CA THR A 26 -36.34 1.04 7.44
C THR A 26 -36.64 2.28 6.57
N LYS A 27 -36.65 2.13 5.23
CA LYS A 27 -36.90 3.18 4.22
C LYS A 27 -35.80 4.25 4.30
N ARG A 28 -34.56 3.81 4.58
CA ARG A 28 -33.38 4.65 4.68
C ARG A 28 -32.27 4.09 3.82
N TYR A 29 -31.33 4.97 3.43
CA TYR A 29 -30.13 4.65 2.66
C TYR A 29 -28.98 4.43 3.61
N TYR A 30 -28.10 3.48 3.29
CA TYR A 30 -26.96 3.13 4.13
C TYR A 30 -25.70 3.02 3.33
N ILE A 31 -24.58 3.47 3.92
CA ILE A 31 -23.26 3.35 3.31
C ILE A 31 -22.39 2.58 4.28
N TYR A 32 -21.71 1.54 3.76
CA TYR A 32 -20.82 0.64 4.49
C TYR A 32 -19.44 0.72 3.86
N PRO A 33 -18.56 1.57 4.40
CA PRO A 33 -17.21 1.70 3.83
C PRO A 33 -16.13 0.98 4.64
N THR A 34 -14.92 1.00 4.09
CA THR A 34 -13.71 0.66 4.82
C THR A 34 -13.47 1.84 5.77
N SER A 35 -13.09 1.60 7.04
CA SER A 35 -12.67 2.70 7.93
C SER A 35 -11.24 3.07 7.50
N ASP A 36 -11.05 4.24 6.88
CA ASP A 36 -9.74 4.64 6.35
C ASP A 36 -9.01 5.59 7.34
N GLY A 37 -7.88 6.18 6.93
CA GLY A 37 -7.13 7.05 7.84
C GLY A 37 -6.11 6.26 8.63
N PHE A 38 -5.97 4.94 8.37
CA PHE A 38 -4.98 4.10 9.06
C PHE A 38 -3.88 3.70 8.10
N PRO A 39 -2.59 3.81 8.48
CA PRO A 39 -1.51 3.41 7.56
C PRO A 39 -1.56 1.92 7.26
N GLY A 40 -1.32 1.54 6.01
CA GLY A 40 -1.37 0.15 5.57
C GLY A 40 -2.76 -0.45 5.68
N TRP A 41 -3.81 0.42 5.62
CA TRP A 41 -5.23 0.05 5.64
C TRP A 41 -5.52 -0.85 6.86
N GLY A 42 -5.10 -0.34 8.02
CA GLY A 42 -5.16 -1.03 9.30
C GLY A 42 -6.50 -1.01 9.99
N GLY A 43 -7.52 -0.42 9.36
CA GLY A 43 -8.86 -0.40 9.97
C GLY A 43 -9.32 -1.81 10.30
N SER A 44 -9.86 -2.02 11.52
CA SER A 44 -10.25 -3.37 11.98
C SER A 44 -11.75 -3.52 12.26
N TYR A 45 -12.54 -2.52 11.89
CA TYR A 45 -13.96 -2.52 12.17
C TYR A 45 -14.70 -1.82 11.07
N PHE A 46 -15.99 -2.11 10.95
CA PHE A 46 -16.88 -1.53 9.96
C PHE A 46 -17.93 -0.65 10.59
N LYS A 47 -18.12 0.52 10.00
CA LYS A 47 -19.14 1.49 10.42
C LYS A 47 -20.31 1.44 9.46
N VAL A 48 -21.42 2.07 9.83
CA VAL A 48 -22.54 2.23 8.92
C VAL A 48 -23.01 3.68 9.09
N PHE A 49 -23.26 4.35 7.97
CA PHE A 49 -23.77 5.71 7.90
C PHE A 49 -25.15 5.66 7.26
N SER A 50 -26.14 6.36 7.83
CA SER A 50 -27.49 6.34 7.28
C SER A 50 -27.96 7.72 6.82
N SER A 51 -28.88 7.72 5.84
CA SER A 51 -29.48 8.92 5.27
C SER A 51 -30.92 8.67 4.87
N LYS A 52 -31.73 9.74 4.90
CA LYS A 52 -33.12 9.65 4.45
C LYS A 52 -33.24 10.21 3.04
N ASN A 53 -32.37 11.18 2.69
CA ASN A 53 -32.41 11.97 1.47
C ASN A 53 -31.15 11.94 0.56
N LEU A 54 -30.02 11.30 1.01
CA LEU A 54 -28.75 11.17 0.27
C LEU A 54 -27.89 12.45 0.31
N LYS A 55 -28.35 13.47 1.04
CA LYS A 55 -27.63 14.73 1.20
C LYS A 55 -26.97 14.77 2.58
N THR A 56 -27.75 14.46 3.64
CA THR A 56 -27.31 14.47 5.03
C THR A 56 -27.13 13.03 5.52
N TRP A 57 -25.91 12.71 5.99
CA TRP A 57 -25.49 11.37 6.45
C TRP A 57 -25.13 11.37 7.93
N LYS A 58 -25.61 10.36 8.64
CA LYS A 58 -25.44 10.17 10.08
C LYS A 58 -24.70 8.86 10.36
N GLU A 59 -23.70 8.92 11.26
CA GLU A 59 -22.98 7.70 11.63
C GLU A 59 -23.80 6.92 12.65
N GLU A 60 -24.03 5.63 12.35
CA GLU A 60 -24.72 4.68 13.21
C GLU A 60 -23.66 3.93 14.05
N THR A 61 -24.07 2.86 14.74
N THR A 61 -24.07 2.89 14.80
CA THR A 61 -23.18 2.05 15.55
CA THR A 61 -23.19 2.09 15.66
C THR A 61 -22.23 1.23 14.70
C THR A 61 -22.33 1.12 14.82
N VAL A 62 -21.08 0.85 15.26
CA VAL A 62 -20.09 -0.04 14.64
C VAL A 62 -20.76 -1.43 14.59
N ILE A 63 -20.76 -2.05 13.40
CA ILE A 63 -21.45 -3.32 13.17
C ILE A 63 -20.54 -4.52 13.34
N LEU A 64 -19.24 -4.41 13.05
CA LEU A 64 -18.39 -5.58 13.15
C LEU A 64 -16.96 -5.17 13.44
N GLU A 65 -16.32 -5.87 14.40
CA GLU A 65 -14.94 -5.64 14.79
C GLU A 65 -14.20 -6.98 14.70
N GLY A 67 -11.72 -10.05 15.43
CA GLY A 67 -11.30 -10.60 16.71
C GLY A 67 -12.45 -10.67 17.70
N LYS A 68 -12.99 -9.48 18.07
CA LYS A 68 -14.14 -9.31 18.97
C LYS A 68 -15.39 -10.01 18.42
N ASN A 69 -15.75 -9.75 17.15
CA ASN A 69 -16.94 -10.33 16.52
C ASN A 69 -16.61 -11.38 15.47
N VAL A 70 -15.34 -11.47 15.08
CA VAL A 70 -14.87 -12.36 14.01
C VAL A 70 -13.69 -13.16 14.56
N SER A 71 -13.96 -14.41 14.98
CA SER A 71 -12.99 -15.28 15.65
C SER A 71 -11.79 -15.68 14.78
N TRP A 72 -11.98 -15.71 13.45
CA TRP A 72 -10.98 -16.14 12.50
C TRP A 72 -10.11 -14.98 11.96
N ALA A 73 -10.54 -13.72 12.17
CA ALA A 73 -9.85 -12.55 11.63
C ALA A 73 -9.25 -11.67 12.72
N ASN A 74 -8.16 -10.95 12.41
CA ASN A 74 -7.50 -10.13 13.41
C ASN A 74 -7.29 -8.68 12.95
N GLY A 75 -7.78 -8.33 11.75
CA GLY A 75 -7.62 -6.97 11.24
C GLY A 75 -7.86 -6.82 9.76
N ASN A 76 -7.50 -5.62 9.22
CA ASN A 76 -7.67 -5.24 7.80
C ASN A 76 -9.11 -5.55 7.31
N ALA A 77 -10.07 -4.96 8.00
CA ALA A 77 -11.49 -5.11 7.68
C ALA A 77 -11.78 -4.22 6.48
N TRP A 78 -11.91 -4.84 5.28
CA TRP A 78 -12.08 -4.03 4.07
C TRP A 78 -13.29 -4.31 3.24
N ALA A 79 -13.73 -3.23 2.56
CA ALA A 79 -14.56 -3.14 1.38
C ALA A 79 -15.72 -4.15 1.40
N PRO A 80 -16.69 -3.86 2.25
CA PRO A 80 -17.82 -4.78 2.38
C PRO A 80 -18.86 -4.62 1.29
N CYS A 81 -19.84 -5.53 1.28
CA CYS A 81 -20.99 -5.43 0.40
C CYS A 81 -22.16 -5.99 1.18
N ILE A 82 -23.39 -5.66 0.77
CA ILE A 82 -24.53 -6.13 1.52
C ILE A 82 -25.69 -6.42 0.58
N GLU A 83 -26.51 -7.38 1.00
CA GLU A 83 -27.72 -7.75 0.29
C GLU A 83 -28.87 -7.81 1.26
N GLU A 84 -29.99 -7.16 0.93
CA GLU A 84 -31.21 -7.21 1.71
C GLU A 84 -32.18 -8.10 0.98
N LYS A 85 -32.70 -9.11 1.65
CA LYS A 85 -33.71 -10.02 1.12
C LYS A 85 -34.89 -10.09 2.05
N LYS A 86 -36.09 -10.24 1.48
CA LYS A 86 -37.32 -10.41 2.24
C LYS A 86 -37.66 -11.89 2.16
N ILE A 87 -37.63 -12.57 3.31
CA ILE A 87 -37.89 -14.02 3.38
C ILE A 87 -38.92 -14.26 4.44
N ASP A 88 -40.04 -14.90 4.06
CA ASP A 88 -41.12 -15.22 4.97
C ASP A 88 -41.56 -13.98 5.78
N GLY A 89 -41.70 -12.86 5.07
CA GLY A 89 -42.18 -11.61 5.63
C GLY A 89 -41.21 -10.85 6.52
N LYS A 90 -39.96 -11.34 6.65
CA LYS A 90 -38.93 -10.72 7.48
C LYS A 90 -37.73 -10.40 6.63
N TYR A 91 -37.14 -9.22 6.84
CA TYR A 91 -35.97 -8.76 6.11
C TYR A 91 -34.72 -9.34 6.73
N LYS A 92 -33.83 -9.86 5.89
CA LYS A 92 -32.56 -10.47 6.27
C LYS A 92 -31.42 -9.78 5.52
N TYR A 93 -30.27 -9.64 6.17
CA TYR A 93 -29.11 -8.96 5.58
C TYR A 93 -27.95 -9.89 5.54
N PHE A 94 -27.25 -9.87 4.41
CA PHE A 94 -26.11 -10.70 4.13
C PHE A 94 -25.00 -9.76 3.80
N PHE A 95 -24.06 -9.63 4.74
CA PHE A 95 -22.94 -8.71 4.69
C PHE A 95 -21.66 -9.48 4.43
N TYR A 96 -21.00 -9.17 3.32
CA TYR A 96 -19.76 -9.85 2.93
C TYR A 96 -18.63 -8.88 3.01
N TYR A 97 -17.45 -9.37 3.35
CA TYR A 97 -16.30 -8.50 3.57
C TYR A 97 -15.04 -9.32 3.48
N SER A 98 -13.88 -8.66 3.53
CA SER A 98 -12.63 -9.38 3.56
C SER A 98 -11.87 -8.94 4.79
N ALA A 99 -11.02 -9.84 5.32
CA ALA A 99 -10.25 -9.55 6.50
C ALA A 99 -8.98 -10.39 6.53
N ASN A 100 -8.03 -9.97 7.37
CA ASN A 100 -6.82 -10.73 7.57
C ASN A 100 -7.12 -11.87 8.56
N PRO A 101 -6.89 -13.15 8.17
CA PRO A 101 -7.08 -14.22 9.13
C PRO A 101 -5.95 -14.28 10.15
N THR A 102 -6.24 -14.83 11.35
CA THR A 102 -5.27 -15.01 12.42
C THR A 102 -4.14 -15.99 12.00
N THR A 103 -4.41 -16.81 10.95
CA THR A 103 -3.49 -17.81 10.41
C THR A 103 -2.42 -17.16 9.54
N ASN A 104 -2.69 -15.91 9.10
CA ASN A 104 -1.85 -15.09 8.22
C ASN A 104 -1.64 -15.79 6.86
N LYS A 105 -2.67 -16.52 6.38
CA LYS A 105 -2.68 -17.25 5.12
C LYS A 105 -3.26 -16.40 3.96
N GLY A 106 -3.13 -15.07 4.06
CA GLY A 106 -3.66 -14.16 3.04
C GLY A 106 -5.08 -13.70 3.33
N LYS A 107 -5.50 -12.55 2.78
CA LYS A 107 -6.86 -12.05 3.02
C LYS A 107 -7.91 -13.06 2.56
N GLN A 108 -9.01 -13.15 3.31
CA GLN A 108 -10.11 -14.09 3.03
C GLN A 108 -11.41 -13.35 3.12
N ILE A 109 -12.45 -13.90 2.49
CA ILE A 109 -13.77 -13.28 2.47
C ILE A 109 -14.69 -14.04 3.41
N GLY A 110 -15.41 -13.30 4.24
CA GLY A 110 -16.37 -13.86 5.19
C GLY A 110 -17.76 -13.28 5.00
N VAL A 111 -18.70 -13.75 5.83
CA VAL A 111 -20.11 -13.33 5.76
C VAL A 111 -20.69 -13.23 7.16
N ALA A 112 -21.43 -12.14 7.39
CA ALA A 112 -22.14 -11.85 8.64
C ALA A 112 -23.59 -11.61 8.31
N VAL A 113 -24.47 -12.02 9.23
CA VAL A 113 -25.91 -11.88 9.01
C VAL A 113 -26.55 -11.00 10.08
N ALA A 114 -27.63 -10.29 9.69
CA ALA A 114 -28.43 -9.43 10.60
C ALA A 114 -29.91 -9.44 10.19
N ASP A 115 -30.77 -8.91 11.07
CA ASP A 115 -32.21 -8.76 10.83
C ASP A 115 -32.56 -7.28 10.64
N SER A 116 -31.53 -6.42 10.61
CA SER A 116 -31.64 -4.98 10.43
C SER A 116 -30.37 -4.44 9.70
N PRO A 117 -30.51 -3.37 8.86
CA PRO A 117 -29.32 -2.83 8.17
C PRO A 117 -28.30 -2.20 9.14
N THR A 118 -28.71 -1.96 10.42
CA THR A 118 -27.79 -1.41 11.43
C THR A 118 -27.35 -2.49 12.44
N GLY A 119 -27.73 -3.74 12.16
CA GLY A 119 -27.36 -4.88 12.97
C GLY A 119 -28.27 -5.17 14.14
N PRO A 120 -27.83 -5.96 15.15
CA PRO A 120 -26.49 -6.59 15.28
C PRO A 120 -26.21 -7.63 14.20
N PHE A 121 -24.95 -7.72 13.78
CA PHE A 121 -24.49 -8.67 12.77
C PHE A 121 -23.73 -9.82 13.43
N THR A 122 -24.01 -11.06 13.00
CA THR A 122 -23.34 -12.25 13.53
C THR A 122 -22.54 -12.91 12.43
N ASP A 123 -21.23 -13.05 12.66
CA ASP A 123 -20.32 -13.67 11.70
C ASP A 123 -20.52 -15.20 11.67
N LEU A 124 -20.23 -15.83 10.52
CA LEU A 124 -20.39 -17.28 10.32
C LEU A 124 -19.49 -18.12 11.26
N GLY A 125 -18.29 -17.62 11.57
CA GLY A 125 -17.31 -18.30 12.42
C GLY A 125 -16.11 -18.78 11.63
N LYS A 126 -16.19 -18.59 10.31
CA LYS A 126 -15.19 -19.00 9.34
C LYS A 126 -15.30 -18.22 8.03
N PRO A 127 -14.19 -18.05 7.27
CA PRO A 127 -14.29 -17.40 5.96
C PRO A 127 -14.97 -18.35 4.95
N ILE A 128 -15.48 -17.81 3.84
CA ILE A 128 -16.18 -18.63 2.84
C ILE A 128 -15.40 -18.72 1.51
N ILE A 129 -14.43 -17.81 1.30
CA ILE A 129 -13.57 -17.81 0.10
C ILE A 129 -12.14 -17.65 0.62
N THR A 130 -11.30 -18.72 0.43
CA THR A 130 -9.93 -18.77 0.97
C THR A 130 -8.88 -19.12 -0.07
N SER A 131 -9.21 -19.03 -1.37
CA SER A 131 -8.20 -19.30 -2.41
C SER A 131 -8.61 -18.62 -3.68
N SER A 132 -7.61 -18.39 -4.53
CA SER A 132 -7.80 -17.77 -5.83
C SER A 132 -8.15 -18.79 -6.88
N PRO A 133 -9.13 -18.47 -7.75
CA PRO A 133 -9.40 -19.37 -8.90
C PRO A 133 -8.30 -19.30 -9.97
N THR A 134 -7.38 -18.29 -9.91
CA THR A 134 -6.29 -18.21 -10.89
C THR A 134 -4.96 -18.69 -10.31
N GLY A 135 -4.90 -18.82 -9.00
CA GLY A 135 -3.68 -19.08 -8.25
C GLY A 135 -2.92 -17.81 -7.88
N ARG A 136 -3.38 -16.63 -8.38
CA ARG A 136 -2.74 -15.32 -8.19
C ARG A 136 -3.76 -14.28 -7.66
N GLY A 137 -3.30 -13.05 -7.45
CA GLY A 137 -4.19 -12.00 -6.94
C GLY A 137 -4.57 -12.23 -5.50
N GLN A 138 -5.65 -11.59 -5.06
CA GLN A 138 -6.09 -11.66 -3.66
C GLN A 138 -7.59 -11.80 -3.54
N GLN A 139 -8.03 -12.43 -2.45
CA GLN A 139 -9.44 -12.71 -2.20
C GLN A 139 -10.02 -11.54 -1.42
N ILE A 140 -10.21 -10.42 -2.12
CA ILE A 140 -10.74 -9.19 -1.52
C ILE A 140 -11.71 -8.55 -2.47
N ASP A 141 -12.36 -7.45 -2.05
CA ASP A 141 -13.27 -6.64 -2.88
C ASP A 141 -14.49 -7.40 -3.34
N VAL A 142 -15.11 -8.07 -2.40
CA VAL A 142 -16.32 -8.85 -2.62
C VAL A 142 -17.52 -7.92 -2.95
N ASP A 143 -18.37 -8.41 -3.86
CA ASP A 143 -19.63 -7.78 -4.22
C ASP A 143 -20.73 -8.86 -4.28
N VAL A 144 -22.00 -8.51 -4.01
CA VAL A 144 -23.10 -9.48 -4.01
C VAL A 144 -24.19 -8.94 -4.88
N PHE A 145 -24.84 -9.83 -5.63
CA PHE A 145 -25.89 -9.40 -6.54
C PHE A 145 -26.93 -10.50 -6.70
N THR A 146 -28.19 -10.12 -6.73
CA THR A 146 -29.30 -11.05 -7.00
C THR A 146 -29.78 -10.77 -8.40
N ASP A 147 -29.82 -11.81 -9.25
CA ASP A 147 -30.32 -11.68 -10.61
C ASP A 147 -31.85 -11.49 -10.53
N PRO A 148 -32.40 -10.35 -11.01
CA PRO A 148 -33.86 -10.14 -10.89
C PRO A 148 -34.68 -11.11 -11.76
N VAL A 149 -34.07 -11.61 -12.85
CA VAL A 149 -34.70 -12.55 -13.79
C VAL A 149 -34.90 -13.93 -13.12
N SER A 150 -33.82 -14.51 -12.54
CA SER A 150 -33.83 -15.87 -11.96
C SER A 150 -34.06 -15.94 -10.44
N GLY A 151 -33.71 -14.87 -9.72
CA GLY A 151 -33.77 -14.87 -8.27
C GLY A 151 -32.48 -15.41 -7.66
N LYS A 152 -31.58 -15.96 -8.50
CA LYS A 152 -30.31 -16.50 -8.04
C LYS A 152 -29.40 -15.37 -7.55
N SER A 153 -28.64 -15.61 -6.48
CA SER A 153 -27.70 -14.63 -5.93
C SER A 153 -26.29 -15.04 -6.29
N TYR A 154 -25.42 -14.04 -6.48
CA TYR A 154 -24.04 -14.27 -6.91
C TYR A 154 -23.09 -13.42 -6.10
N LEU A 155 -21.89 -13.95 -5.87
CA LEU A 155 -20.80 -13.17 -5.30
C LEU A 155 -19.81 -12.92 -6.40
N TYR A 156 -19.17 -11.76 -6.37
CA TYR A 156 -18.09 -11.35 -7.28
C TYR A 156 -16.95 -10.87 -6.45
N TRP A 157 -15.70 -11.07 -6.87
CA TRP A 157 -14.60 -10.61 -6.01
C TRP A 157 -13.32 -10.64 -6.77
N GLY A 158 -12.28 -10.16 -6.11
CA GLY A 158 -10.92 -10.30 -6.58
C GLY A 158 -10.14 -9.05 -6.86
N ASN A 159 -8.87 -9.11 -6.47
CA ASN A 159 -7.83 -8.14 -6.82
C ASN A 159 -6.92 -8.91 -7.74
N GLY A 160 -6.64 -8.37 -8.92
CA GLY A 160 -5.78 -9.03 -9.91
C GLY A 160 -6.59 -9.84 -10.90
N TYR A 161 -7.67 -10.44 -10.43
CA TYR A 161 -8.63 -11.22 -11.21
C TYR A 161 -10.00 -10.81 -10.80
N ALA A 163 -13.71 -12.75 -10.34
CA ALA A 163 -14.44 -14.01 -10.37
C ALA A 163 -15.87 -13.80 -9.91
N GLY A 164 -16.73 -14.73 -10.29
CA GLY A 164 -18.13 -14.72 -9.88
C GLY A 164 -18.56 -16.13 -9.63
N ALA A 165 -19.48 -16.32 -8.69
CA ALA A 165 -19.99 -17.65 -8.41
C ALA A 165 -21.38 -17.53 -7.89
N GLU A 166 -22.19 -18.54 -8.16
CA GLU A 166 -23.53 -18.55 -7.61
C GLU A 166 -23.46 -18.89 -6.13
N LEU A 167 -24.28 -18.20 -5.33
CA LEU A 167 -24.43 -18.48 -3.89
C LEU A 167 -25.44 -19.59 -3.63
N ASN A 168 -25.21 -20.39 -2.58
CA ASN A 168 -26.17 -21.38 -2.12
C ASN A 168 -27.37 -20.65 -1.53
N ASP A 169 -28.50 -21.34 -1.40
CA ASP A 169 -29.75 -20.74 -0.92
C ASP A 169 -29.63 -20.02 0.41
N ASP A 170 -28.88 -20.58 1.40
CA ASP A 170 -28.75 -19.94 2.72
C ASP A 170 -27.78 -18.73 2.70
N LEU A 172 -24.65 -18.52 2.75
CA LEU A 172 -23.45 -18.69 3.59
C LEU A 172 -22.30 -19.36 2.88
N SER A 173 -22.47 -19.77 1.64
CA SER A 173 -21.39 -20.41 0.88
C SER A 173 -21.65 -20.28 -0.59
N ILE A 174 -20.60 -20.31 -1.39
CA ILE A 174 -20.78 -20.30 -2.83
C ILE A 174 -20.89 -21.75 -3.35
N LYS A 175 -21.44 -21.93 -4.55
CA LYS A 175 -21.45 -23.24 -5.26
C LYS A 175 -20.18 -23.22 -6.06
N GLU A 176 -19.14 -23.89 -5.50
CA GLU A 176 -17.76 -23.93 -6.05
CA GLU A 176 -17.76 -23.93 -6.03
C GLU A 176 -17.71 -24.26 -7.54
N GLU A 177 -18.58 -25.17 -8.02
CA GLU A 177 -18.61 -25.64 -9.39
C GLU A 177 -19.08 -24.56 -10.38
N THR A 178 -19.73 -23.48 -9.86
CA THR A 178 -20.25 -22.40 -10.70
C THR A 178 -19.22 -21.26 -10.90
N THR A 179 -18.09 -21.30 -10.18
CA THR A 179 -17.07 -20.24 -10.26
C THR A 179 -16.59 -20.02 -11.70
N VAL A 180 -16.65 -18.74 -12.12
CA VAL A 180 -16.21 -18.32 -13.44
C VAL A 180 -15.17 -17.21 -13.25
N VAL A 181 -14.04 -17.31 -13.96
CA VAL A 181 -13.03 -16.27 -13.98
C VAL A 181 -13.51 -15.32 -15.09
N LEU A 182 -13.93 -14.13 -14.68
CA LEU A 182 -14.56 -13.12 -15.53
C LEU A 182 -13.64 -12.02 -15.98
N THR A 183 -12.40 -11.98 -15.42
CA THR A 183 -11.43 -10.92 -15.65
C THR A 183 -11.42 -10.39 -17.07
N PRO A 184 -11.81 -9.12 -17.26
CA PRO A 184 -11.73 -8.52 -18.60
C PRO A 184 -10.28 -8.56 -19.09
N LYS A 185 -10.08 -8.96 -20.34
CA LYS A 185 -8.77 -9.14 -20.94
C LYS A 185 -8.24 -7.87 -21.57
N GLY A 186 -6.94 -7.65 -21.41
CA GLY A 186 -6.24 -6.54 -22.03
C GLY A 186 -6.46 -5.23 -21.32
N GLY A 187 -6.41 -4.14 -22.07
CA GLY A 187 -6.55 -2.79 -21.55
C GLY A 187 -5.26 -2.29 -20.93
N THR A 188 -5.22 -0.99 -20.67
CA THR A 188 -4.07 -0.30 -20.09
C THR A 188 -4.53 0.50 -18.86
N LEU A 189 -3.56 1.06 -18.11
CA LEU A 189 -3.86 1.90 -16.94
C LEU A 189 -4.58 3.19 -17.38
N GLN A 190 -4.52 3.50 -18.68
CA GLN A 190 -5.17 4.66 -19.31
C GLN A 190 -6.58 4.30 -19.82
N THR A 191 -6.90 2.99 -19.93
CA THR A 191 -8.23 2.59 -20.40
C THR A 191 -8.94 1.73 -19.32
N TYR A 192 -9.04 0.39 -19.51
CA TYR A 192 -9.82 -0.49 -18.65
C TYR A 192 -9.07 -1.66 -17.94
N ALA A 193 -7.70 -1.70 -17.94
CA ALA A 193 -6.94 -2.79 -17.30
C ALA A 193 -7.49 -3.09 -15.91
N TYR A 194 -7.91 -4.34 -15.71
CA TYR A 194 -8.52 -4.75 -14.45
C TYR A 194 -7.56 -4.72 -13.27
N ARG A 195 -7.98 -4.06 -12.19
CA ARG A 195 -7.22 -4.10 -10.96
C ARG A 195 -8.01 -4.80 -9.88
N GLU A 196 -9.17 -4.25 -9.57
CA GLU A 196 -9.97 -4.73 -8.44
C GLU A 196 -11.37 -4.09 -8.40
N ALA A 197 -12.04 -4.26 -7.26
CA ALA A 197 -13.33 -3.65 -6.90
C ALA A 197 -14.46 -3.91 -7.91
N PRO A 198 -14.81 -5.17 -8.20
CA PRO A 198 -15.95 -5.41 -9.11
C PRO A 198 -17.29 -4.97 -8.50
N TYR A 199 -18.22 -4.52 -9.37
CA TYR A 199 -19.55 -4.14 -8.93
C TYR A 199 -20.55 -4.48 -10.00
N VAL A 200 -21.64 -5.16 -9.62
CA VAL A 200 -22.60 -5.65 -10.62
C VAL A 200 -24.01 -5.13 -10.38
N ILE A 201 -24.65 -4.68 -11.46
CA ILE A 201 -26.03 -4.19 -11.49
C ILE A 201 -26.79 -4.80 -12.69
N TYR A 202 -28.11 -4.68 -12.64
CA TYR A 202 -29.01 -5.08 -13.72
C TYR A 202 -29.91 -3.90 -14.02
N ARG A 203 -30.11 -3.61 -15.31
CA ARG A 203 -31.01 -2.57 -15.80
C ARG A 203 -31.50 -2.91 -17.19
N LYS A 204 -32.83 -2.99 -17.35
CA LYS A 204 -33.59 -3.19 -18.58
C LYS A 204 -32.98 -4.31 -19.47
N GLY A 205 -32.80 -5.49 -18.86
CA GLY A 205 -32.30 -6.68 -19.53
C GLY A 205 -30.80 -6.81 -19.70
N ILE A 206 -30.03 -5.82 -19.20
CA ILE A 206 -28.57 -5.82 -19.33
C ILE A 206 -27.89 -5.89 -17.96
N TYR A 207 -26.85 -6.72 -17.86
CA TYR A 207 -26.03 -6.84 -16.66
C TYR A 207 -24.84 -5.92 -16.85
N TYR A 208 -24.60 -4.99 -15.90
CA TYR A 208 -23.46 -4.06 -15.97
C TYR A 208 -22.41 -4.46 -14.95
N PHE A 209 -21.14 -4.45 -15.39
CA PHE A 209 -19.99 -4.81 -14.56
C PHE A 209 -19.04 -3.66 -14.49
N PHE A 210 -18.90 -3.10 -13.30
CA PHE A 210 -17.97 -2.00 -13.01
C PHE A 210 -16.74 -2.56 -12.34
N TRP A 211 -15.58 -1.90 -12.55
CA TRP A 211 -14.34 -2.28 -11.84
C TRP A 211 -13.36 -1.11 -11.83
N SER A 212 -12.35 -1.18 -10.95
CA SER A 212 -11.38 -0.11 -10.82
C SER A 212 -10.05 -0.47 -11.48
N VAL A 213 -9.40 0.57 -12.02
CA VAL A 213 -8.15 0.54 -12.77
C VAL A 213 -7.10 1.32 -11.99
N ASP A 214 -5.84 0.84 -12.01
CA ASP A 214 -4.71 1.44 -11.31
C ASP A 214 -4.84 1.22 -9.79
N ASP A 215 -3.94 1.85 -9.03
CA ASP A 215 -3.81 1.75 -7.59
C ASP A 215 -4.59 2.86 -6.87
N THR A 216 -5.14 2.56 -5.68
CA THR A 216 -5.96 3.49 -4.91
C THR A 216 -5.20 4.76 -4.46
N GLY A 217 -3.87 4.67 -4.34
CA GLY A 217 -3.01 5.80 -3.98
C GLY A 217 -2.64 6.69 -5.15
N SER A 218 -3.05 6.30 -6.37
CA SER A 218 -2.77 7.06 -7.59
C SER A 218 -3.94 7.98 -7.98
N PRO A 219 -3.67 9.21 -8.51
CA PRO A 219 -4.77 10.06 -8.97
C PRO A 219 -5.48 9.48 -10.21
N ASN A 220 -4.85 8.48 -10.87
CA ASN A 220 -5.43 7.81 -12.04
C ASN A 220 -6.36 6.64 -11.65
N TYR A 221 -6.60 6.42 -10.33
CA TYR A 221 -7.55 5.38 -9.89
C TYR A 221 -8.92 5.73 -10.48
N HIS A 222 -9.46 4.88 -11.36
CA HIS A 222 -10.74 5.22 -12.00
C HIS A 222 -11.65 3.99 -12.24
N VAL A 223 -12.94 4.26 -12.51
CA VAL A 223 -13.99 3.27 -12.76
C VAL A 223 -14.19 3.11 -14.27
N VAL A 224 -14.33 1.86 -14.71
CA VAL A 224 -14.64 1.44 -16.07
C VAL A 224 -15.78 0.42 -16.00
N TYR A 225 -16.41 0.10 -17.15
CA TYR A 225 -17.49 -0.87 -17.16
C TYR A 225 -17.53 -1.70 -18.43
N GLY A 226 -18.27 -2.80 -18.32
CA GLY A 226 -18.58 -3.73 -19.37
C GLY A 226 -19.98 -4.24 -19.16
N THR A 227 -20.47 -5.05 -20.09
CA THR A 227 -21.83 -5.60 -20.01
C THR A 227 -21.85 -7.06 -20.42
N ALA A 228 -23.00 -7.72 -20.14
CA ALA A 228 -23.30 -9.11 -20.50
C ALA A 228 -24.80 -9.34 -20.47
N GLN A 229 -25.25 -10.42 -21.12
CA GLN A 229 -26.65 -10.83 -21.17
C GLN A 229 -26.89 -11.87 -20.08
N SER A 230 -25.84 -12.18 -19.28
CA SER A 230 -25.87 -13.18 -18.20
C SER A 230 -25.07 -12.71 -16.99
N PRO A 231 -25.53 -12.99 -15.74
CA PRO A 231 -24.76 -12.54 -14.56
C PRO A 231 -23.33 -13.12 -14.48
N LEU A 232 -23.04 -14.24 -15.20
CA LEU A 232 -21.71 -14.82 -15.18
C LEU A 232 -20.99 -14.63 -16.52
N GLY A 233 -21.28 -13.50 -17.16
CA GLY A 233 -20.62 -13.03 -18.37
C GLY A 233 -20.77 -13.93 -19.57
N PRO A 234 -19.80 -13.89 -20.53
CA PRO A 234 -18.56 -13.10 -20.54
C PRO A 234 -18.82 -11.58 -20.64
N ILE A 235 -17.94 -10.81 -20.02
CA ILE A 235 -18.05 -9.35 -20.01
C ILE A 235 -17.53 -8.78 -21.33
N GLU A 236 -18.35 -7.95 -21.97
CA GLU A 236 -17.98 -7.21 -23.17
C GLU A 236 -17.65 -5.81 -22.67
N VAL A 237 -16.35 -5.42 -22.73
CA VAL A 237 -15.94 -4.09 -22.27
C VAL A 237 -16.58 -3.08 -23.21
N ALA A 238 -17.18 -2.01 -22.65
CA ALA A 238 -17.84 -0.96 -23.42
C ALA A 238 -16.83 -0.24 -24.31
N LYS A 239 -17.25 0.19 -25.54
CA LYS A 239 -16.40 0.90 -26.52
C LYS A 239 -15.71 2.11 -25.85
N GLU A 240 -16.52 2.93 -25.13
N GLU A 240 -16.50 2.92 -25.12
CA GLU A 240 -16.10 4.07 -24.30
CA GLU A 240 -16.03 4.04 -24.31
C GLU A 240 -16.32 3.59 -22.86
C GLU A 240 -16.31 3.60 -22.87
N PRO A 241 -15.32 2.95 -22.21
CA PRO A 241 -15.59 2.33 -20.90
C PRO A 241 -15.38 3.16 -19.64
N ILE A 242 -14.77 4.35 -19.72
CA ILE A 242 -14.54 5.16 -18.53
C ILE A 242 -15.86 5.73 -18.01
N VAL A 243 -16.20 5.36 -16.77
CA VAL A 243 -17.41 5.83 -16.09
C VAL A 243 -17.05 7.07 -15.27
N LEU A 244 -15.98 6.93 -14.49
CA LEU A 244 -15.52 7.95 -13.56
C LEU A 244 -14.00 8.00 -13.52
N ILE A 245 -13.43 9.17 -13.77
CA ILE A 245 -11.98 9.42 -13.76
C ILE A 245 -11.70 10.79 -13.05
N GLN A 246 -10.43 11.07 -12.73
CA GLN A 246 -10.02 12.29 -12.05
C GLN A 246 -10.32 13.56 -12.86
N ASN A 247 -10.53 14.66 -12.11
CA ASN A 247 -10.76 16.00 -12.63
C ASN A 247 -9.85 16.94 -11.82
N PRO A 248 -8.53 17.01 -12.16
CA PRO A 248 -7.61 17.84 -11.37
C PRO A 248 -7.99 19.31 -11.33
N LYS A 249 -8.65 19.83 -12.39
CA LYS A 249 -9.11 21.23 -12.50
C LYS A 249 -10.22 21.55 -11.47
N GLU A 250 -10.81 20.53 -10.84
CA GLU A 250 -11.84 20.66 -9.80
C GLU A 250 -11.35 19.97 -8.50
N GLU A 251 -10.05 19.61 -8.47
CA GLU A 251 -9.30 18.96 -7.38
C GLU A 251 -9.91 17.59 -6.98
N ILE A 252 -10.41 16.82 -7.99
CA ILE A 252 -10.96 15.48 -7.79
C ILE A 252 -9.89 14.49 -8.29
N TYR A 253 -9.32 13.69 -7.37
CA TYR A 253 -8.23 12.75 -7.65
C TYR A 253 -8.57 11.33 -7.23
N GLY A 254 -8.19 10.38 -8.09
CA GLY A 254 -8.40 8.95 -7.89
C GLY A 254 -9.82 8.56 -7.51
N PRO A 255 -10.88 9.03 -8.23
CA PRO A 255 -12.25 8.64 -7.86
C PRO A 255 -12.62 7.24 -8.37
N ALA A 256 -12.56 6.22 -7.50
CA ALA A 256 -12.96 4.86 -7.89
C ALA A 256 -13.43 4.03 -6.68
N HIS A 257 -13.34 2.68 -6.79
CA HIS A 257 -13.87 1.66 -5.88
C HIS A 257 -15.34 1.98 -5.60
N ASN A 258 -16.15 1.90 -6.65
CA ASN A 258 -17.52 2.33 -6.57
C ASN A 258 -18.53 1.26 -6.24
N SER A 259 -19.71 1.75 -5.85
CA SER A 259 -20.95 1.00 -5.67
C SER A 259 -22.00 1.78 -6.44
N ILE A 260 -23.18 1.19 -6.61
CA ILE A 260 -24.25 1.79 -7.39
C ILE A 260 -25.55 1.69 -6.62
N LEU A 261 -26.25 2.82 -6.58
CA LEU A 261 -27.55 2.93 -5.96
C LEU A 261 -28.62 3.23 -7.01
N GLN A 262 -29.67 2.41 -7.03
CA GLN A 262 -30.86 2.68 -7.82
C GLN A 262 -31.91 3.21 -6.86
N VAL A 263 -32.55 4.34 -7.19
CA VAL A 263 -33.59 4.91 -6.32
C VAL A 263 -34.75 3.91 -6.31
N PRO A 264 -35.26 3.52 -5.11
CA PRO A 264 -36.34 2.51 -5.05
C PRO A 264 -37.54 2.90 -5.91
N GLY A 265 -37.92 1.99 -6.82
CA GLY A 265 -39.05 2.15 -7.73
C GLY A 265 -38.93 3.26 -8.76
N LYS A 266 -37.68 3.66 -9.11
CA LYS A 266 -37.39 4.70 -10.11
C LYS A 266 -36.17 4.32 -10.96
N ASP A 267 -36.11 4.83 -12.21
CA ASP A 267 -34.96 4.63 -13.10
C ASP A 267 -33.98 5.80 -12.90
N LYS A 268 -33.63 6.05 -11.63
CA LYS A 268 -32.74 7.10 -11.14
C LYS A 268 -31.58 6.41 -10.44
N TRP A 269 -30.35 6.70 -10.92
CA TRP A 269 -29.16 6.01 -10.43
C TRP A 269 -28.08 6.97 -9.95
N TYR A 270 -27.34 6.53 -8.92
CA TYR A 270 -26.23 7.26 -8.30
C TYR A 270 -25.01 6.34 -8.22
N ILE A 271 -23.81 6.92 -8.37
CA ILE A 271 -22.54 6.24 -8.21
C ILE A 271 -21.95 6.70 -6.87
N VAL A 272 -21.58 5.76 -6.00
CA VAL A 272 -20.97 6.04 -4.68
C VAL A 272 -19.53 5.54 -4.77
N TYR A 273 -18.56 6.40 -4.45
CA TYR A 273 -17.16 6.07 -4.59
C TYR A 273 -16.32 6.77 -3.58
N HIS A 274 -15.01 6.55 -3.63
CA HIS A 274 -14.11 7.33 -2.81
C HIS A 274 -13.18 8.11 -3.72
N ARG A 275 -12.47 9.10 -3.16
CA ARG A 275 -11.49 9.89 -3.88
C ARG A 275 -10.37 10.22 -2.91
N ILE A 276 -9.17 10.51 -3.42
CA ILE A 276 -8.06 10.90 -2.57
C ILE A 276 -8.31 12.32 -2.04
N ASN A 277 -8.32 12.50 -0.69
CA ASN A 277 -8.45 13.83 -0.07
C ASN A 277 -7.35 14.73 -0.63
N LYS A 278 -7.74 15.89 -1.22
CA LYS A 278 -6.82 16.81 -1.92
C LYS A 278 -5.60 17.22 -1.08
N ASN A 279 -5.69 17.18 0.26
CA ASN A 279 -4.57 17.56 1.13
C ASN A 279 -3.59 16.41 1.39
N HIS A 280 -3.88 15.21 0.82
CA HIS A 280 -3.01 14.05 1.03
C HIS A 280 -2.47 13.44 -0.26
N LEU A 281 -2.38 14.24 -1.35
CA LEU A 281 -1.86 13.75 -2.64
C LEU A 281 -0.44 13.15 -2.50
N ASN A 282 0.45 13.74 -1.65
CA ASN A 282 1.79 13.18 -1.44
CA ASN A 282 1.80 13.21 -1.43
C ASN A 282 2.05 12.95 0.07
N ASP A 283 0.97 12.66 0.84
CA ASP A 283 1.03 12.36 2.27
C ASP A 283 0.06 11.21 2.56
N GLY A 284 0.46 9.98 2.19
CA GLY A 284 -0.37 8.79 2.36
C GLY A 284 -1.66 8.84 1.55
N PRO A 285 -1.60 9.09 0.22
CA PRO A 285 -2.84 9.22 -0.56
C PRO A 285 -3.72 7.97 -0.52
N GLY A 286 -3.11 6.78 -0.52
CA GLY A 286 -3.79 5.49 -0.53
C GLY A 286 -4.62 5.18 0.70
N TRP A 287 -4.40 5.90 1.82
CA TRP A 287 -5.14 5.65 3.04
C TRP A 287 -5.74 6.93 3.68
N HIS A 288 -5.89 8.00 2.87
CA HIS A 288 -6.57 9.24 3.27
C HIS A 288 -7.61 9.58 2.21
N ARG A 289 -8.61 8.72 2.07
CA ARG A 289 -9.66 8.86 1.05
C ARG A 289 -10.96 9.22 1.69
N GLU A 290 -11.93 9.67 0.88
CA GLU A 290 -13.23 10.18 1.38
C GLU A 290 -14.34 9.76 0.46
N VAL A 291 -15.50 9.43 1.03
CA VAL A 291 -16.64 8.89 0.28
C VAL A 291 -17.49 10.01 -0.31
N CYS A 292 -17.82 9.87 -1.61
CA CYS A 292 -18.59 10.80 -2.42
C CYS A 292 -19.74 10.10 -3.14
N ILE A 293 -20.68 10.90 -3.67
CA ILE A 293 -21.83 10.44 -4.44
C ILE A 293 -22.03 11.41 -5.62
N ASP A 294 -22.48 10.88 -6.76
CA ASP A 294 -22.79 11.66 -7.95
C ASP A 294 -23.82 10.92 -8.77
N ARG A 295 -24.61 11.68 -9.54
CA ARG A 295 -25.64 11.09 -10.38
C ARG A 295 -25.03 10.30 -11.53
N GLU A 297 -26.29 8.63 -15.18
CA GLU A 297 -27.34 8.54 -16.19
C GLU A 297 -27.02 7.50 -17.27
N PHE A 298 -28.09 6.90 -17.81
CA PHE A 298 -28.00 5.93 -18.88
C PHE A 298 -28.47 6.59 -20.17
N ASN A 299 -27.72 6.36 -21.27
CA ASN A 299 -28.06 6.87 -22.60
C ASN A 299 -29.23 6.04 -23.16
N PRO A 300 -29.95 6.52 -24.20
CA PRO A 300 -31.08 5.73 -24.73
C PRO A 300 -30.67 4.32 -25.20
N ASP A 301 -29.50 4.19 -25.87
CA ASP A 301 -29.00 2.93 -26.41
C ASP A 301 -28.57 1.89 -25.33
N GLY A 302 -28.51 2.31 -24.08
CA GLY A 302 -28.13 1.42 -22.97
C GLY A 302 -26.73 1.65 -22.43
N THR A 303 -25.91 2.45 -23.13
CA THR A 303 -24.56 2.80 -22.67
C THR A 303 -24.66 3.76 -21.49
N ILE A 304 -23.60 3.81 -20.68
CA ILE A 304 -23.53 4.69 -19.52
C ILE A 304 -22.84 5.98 -19.90
N LYS A 305 -23.51 7.12 -19.62
CA LYS A 305 -22.96 8.44 -19.82
C LYS A 305 -21.90 8.67 -18.73
N GLN A 306 -20.68 9.12 -19.14
CA GLN A 306 -19.57 9.36 -18.23
C GLN A 306 -19.99 10.31 -17.12
N VAL A 307 -19.79 9.87 -15.87
CA VAL A 307 -20.18 10.61 -14.68
C VAL A 307 -19.36 11.90 -14.58
N ILE A 308 -20.04 13.01 -14.30
CA ILE A 308 -19.39 14.30 -14.09
C ILE A 308 -19.18 14.38 -12.58
N PRO A 309 -17.97 14.07 -12.04
CA PRO A 309 -17.79 14.15 -10.58
C PRO A 309 -17.84 15.60 -10.10
N THR A 310 -18.54 15.83 -8.98
CA THR A 310 -18.69 17.19 -8.45
C THR A 310 -17.66 17.42 -7.33
N PRO A 311 -17.01 18.62 -7.27
CA PRO A 311 -15.98 18.87 -6.23
C PRO A 311 -16.48 18.77 -4.78
N SER B 6 24.79 -14.70 -13.25
CA SER B 6 23.45 -14.29 -13.67
C SER B 6 23.09 -12.86 -13.13
N GLY B 7 24.00 -12.28 -12.33
CA GLY B 7 23.90 -10.95 -11.74
C GLY B 7 22.66 -10.70 -10.90
N ASN B 8 21.83 -9.73 -11.31
CA ASN B 8 20.64 -9.38 -10.51
C ASN B 8 19.47 -10.36 -10.71
N PRO B 9 18.65 -10.60 -9.66
CA PRO B 9 18.78 -10.09 -8.27
C PRO B 9 19.88 -10.88 -7.54
N ILE B 10 20.57 -10.22 -6.62
CA ILE B 10 21.66 -10.87 -5.88
C ILE B 10 21.12 -11.64 -4.68
N LEU B 11 19.90 -11.31 -4.22
CA LEU B 11 19.28 -12.04 -3.12
C LEU B 11 18.13 -12.83 -3.68
N PRO B 12 17.95 -14.09 -3.27
CA PRO B 12 16.84 -14.89 -3.83
C PRO B 12 15.54 -14.47 -3.18
N GLY B 13 14.42 -14.91 -3.76
CA GLY B 13 13.11 -14.65 -3.21
C GLY B 13 12.75 -13.17 -3.19
N PHE B 14 11.88 -12.80 -2.26
CA PHE B 14 11.39 -11.42 -2.21
C PHE B 14 11.96 -10.67 -1.03
N HIS B 15 12.72 -9.61 -1.34
CA HIS B 15 13.36 -8.74 -0.33
C HIS B 15 13.33 -7.34 -0.83
N ALA B 16 13.29 -6.37 0.08
CA ALA B 16 13.19 -4.99 -0.34
C ALA B 16 13.99 -4.08 0.59
N ASP B 17 14.04 -2.79 0.27
CA ASP B 17 14.61 -1.73 1.14
C ASP B 17 15.99 -2.12 1.73
N PRO B 18 16.94 -2.53 0.89
CA PRO B 18 18.20 -3.05 1.42
C PRO B 18 19.12 -2.01 2.02
N GLU B 19 19.76 -2.38 3.14
CA GLU B 19 20.87 -1.65 3.71
C GLU B 19 22.11 -2.48 3.33
N VAL B 20 23.26 -1.85 3.14
CA VAL B 20 24.48 -2.56 2.82
C VAL B 20 25.57 -2.03 3.77
N LEU B 21 26.49 -2.94 4.17
CA LEU B 21 27.57 -2.64 5.07
C LEU B 21 28.83 -3.40 4.67
N TYR B 22 29.98 -2.74 4.73
CA TYR B 22 31.25 -3.41 4.69
C TYR B 22 31.72 -3.51 6.14
N SER B 23 32.00 -4.71 6.61
CA SER B 23 32.44 -4.85 8.01
C SER B 23 33.96 -4.89 8.08
N HIS B 24 34.57 -3.94 8.83
CA HIS B 24 36.02 -4.00 9.05
C HIS B 24 36.35 -5.13 10.03
N GLN B 25 35.37 -5.56 10.87
CA GLN B 25 35.65 -6.68 11.79
C GLN B 25 35.80 -8.01 11.03
N THR B 26 34.83 -8.36 10.17
CA THR B 26 34.87 -9.68 9.52
C THR B 26 35.42 -9.65 8.07
N LYS B 27 35.67 -8.45 7.51
CA LYS B 27 36.17 -8.22 6.13
C LYS B 27 35.18 -8.80 5.09
N ARG B 28 33.88 -8.66 5.37
CA ARG B 28 32.80 -9.15 4.50
C ARG B 28 31.78 -8.06 4.31
N TYR B 29 30.96 -8.18 3.27
CA TYR B 29 29.85 -7.26 2.99
C TYR B 29 28.58 -7.89 3.46
N TYR B 30 27.61 -7.08 3.89
CA TYR B 30 26.35 -7.57 4.40
C TYR B 30 25.22 -6.78 3.86
N ILE B 31 24.07 -7.44 3.64
CA ILE B 31 22.87 -6.73 3.24
C ILE B 31 21.77 -7.06 4.26
N TYR B 32 21.07 -6.00 4.70
CA TYR B 32 19.97 -6.08 5.66
C TYR B 32 18.72 -5.51 5.00
N PRO B 33 17.85 -6.36 4.46
CA PRO B 33 16.64 -5.86 3.78
C PRO B 33 15.35 -6.04 4.57
N THR B 34 14.26 -5.54 4.00
CA THR B 34 12.91 -5.87 4.48
C THR B 34 12.60 -7.30 3.97
N SER B 35 11.99 -8.18 4.79
CA SER B 35 11.54 -9.51 4.31
C SER B 35 10.25 -9.28 3.51
N ASP B 36 10.31 -9.40 2.16
CA ASP B 36 9.15 -9.07 1.32
C ASP B 36 8.34 -10.35 0.93
N GLY B 37 7.36 -10.20 0.04
CA GLY B 37 6.50 -11.31 -0.35
C GLY B 37 5.29 -11.50 0.55
N PHE B 38 5.02 -10.53 1.44
CA PHE B 38 3.88 -10.53 2.38
C PHE B 38 2.93 -9.43 2.01
N PRO B 39 1.62 -9.72 1.78
CA PRO B 39 0.67 -8.63 1.47
C PRO B 39 0.62 -7.61 2.60
N GLY B 40 0.52 -6.34 2.24
CA GLY B 40 0.49 -5.24 3.22
C GLY B 40 1.77 -5.11 4.01
N TRP B 41 2.88 -5.66 3.46
CA TRP B 41 4.23 -5.61 4.03
C TRP B 41 4.22 -6.14 5.45
N GLY B 42 3.67 -7.31 5.61
CA GLY B 42 3.49 -8.00 6.88
C GLY B 42 4.70 -8.76 7.40
N GLY B 43 5.88 -8.54 6.80
CA GLY B 43 7.15 -9.10 7.27
C GLY B 43 7.40 -8.68 8.70
N SER B 44 7.71 -9.63 9.58
CA SER B 44 7.86 -9.33 11.01
C SER B 44 9.29 -9.57 11.51
N TYR B 45 10.21 -9.91 10.61
CA TYR B 45 11.58 -10.21 10.99
C TYR B 45 12.58 -9.74 9.95
N PHE B 46 13.82 -9.57 10.40
CA PHE B 46 14.95 -9.13 9.59
C PHE B 46 15.98 -10.22 9.45
N LYS B 47 16.42 -10.40 8.21
CA LYS B 47 17.47 -11.33 7.88
C LYS B 47 18.77 -10.57 7.61
N VAL B 48 19.87 -11.32 7.53
CA VAL B 48 21.17 -10.76 7.08
C VAL B 48 21.73 -11.69 6.00
N PHE B 49 22.24 -11.11 4.91
CA PHE B 49 22.91 -11.81 3.80
C PHE B 49 24.34 -11.33 3.76
N SER B 50 25.29 -12.22 3.48
CA SER B 50 26.69 -11.82 3.45
C SER B 50 27.38 -12.27 2.17
N SER B 51 28.45 -11.57 1.81
CA SER B 51 29.25 -11.84 0.61
C SER B 51 30.69 -11.41 0.85
N LYS B 52 31.64 -12.16 0.30
CA LYS B 52 33.03 -11.75 0.43
C LYS B 52 33.42 -10.81 -0.73
N ASN B 53 32.81 -11.04 -1.88
CA ASN B 53 33.15 -10.47 -3.18
C ASN B 53 32.05 -9.65 -3.89
N LEU B 54 30.82 -9.57 -3.32
CA LEU B 54 29.64 -8.86 -3.88
C LEU B 54 28.90 -9.64 -4.99
N LYS B 55 29.47 -10.78 -5.41
CA LYS B 55 28.93 -11.66 -6.47
C LYS B 55 28.02 -12.74 -5.89
N THR B 56 28.53 -13.50 -4.92
CA THR B 56 27.77 -14.59 -4.31
C THR B 56 27.30 -14.15 -2.93
N TRP B 57 26.00 -14.30 -2.65
CA TRP B 57 25.42 -13.91 -1.36
C TRP B 57 24.84 -15.11 -0.66
N LYS B 58 25.03 -15.15 0.65
CA LYS B 58 24.57 -16.25 1.49
C LYS B 58 23.69 -15.72 2.60
N GLU B 59 22.60 -16.40 2.91
CA GLU B 59 21.74 -15.97 4.01
C GLU B 59 22.37 -16.44 5.32
N GLU B 60 22.45 -15.57 6.32
CA GLU B 60 22.96 -15.91 7.64
C GLU B 60 21.74 -16.00 8.58
N THR B 61 21.90 -16.18 9.89
CA THR B 61 20.75 -16.34 10.79
C THR B 61 19.93 -15.05 10.90
N VAL B 62 18.57 -15.18 10.96
CA VAL B 62 17.60 -14.10 11.22
C VAL B 62 18.12 -13.37 12.47
N ILE B 63 18.18 -12.04 12.45
CA ILE B 63 18.78 -11.30 13.58
C ILE B 63 17.77 -10.62 14.49
N LEU B 64 16.51 -10.40 14.01
CA LEU B 64 15.52 -9.70 14.82
C LEU B 64 14.11 -9.99 14.35
N GLU B 65 13.25 -10.39 15.28
CA GLU B 65 11.86 -10.70 15.04
C GLU B 65 11.01 -9.92 16.04
N GLY B 67 8.14 -8.83 18.63
CA GLY B 67 7.52 -9.58 19.72
C GLY B 67 8.56 -10.39 20.44
N LYS B 68 9.10 -11.43 19.76
CA LYS B 68 10.11 -12.36 20.24
C LYS B 68 11.36 -11.63 20.76
N ASN B 69 11.91 -10.71 19.96
CA ASN B 69 13.14 -9.94 20.27
C ASN B 69 12.86 -8.47 20.58
N VAL B 70 11.69 -7.95 20.17
CA VAL B 70 11.30 -6.54 20.31
C VAL B 70 9.96 -6.50 21.03
N SER B 71 9.99 -6.26 22.35
CA SER B 71 8.78 -6.29 23.19
C SER B 71 7.75 -5.19 22.87
N TRP B 72 8.19 -4.03 22.35
CA TRP B 72 7.30 -2.90 22.07
C TRP B 72 6.62 -3.01 20.70
N ALA B 73 7.06 -3.92 19.85
CA ALA B 73 6.55 -4.05 18.49
C ALA B 73 5.86 -5.38 18.23
N ASN B 74 4.92 -5.41 17.26
CA ASN B 74 4.18 -6.64 16.93
C ASN B 74 4.22 -7.01 15.45
N GLY B 75 4.93 -6.23 14.64
CA GLY B 75 5.01 -6.54 13.22
C GLY B 75 5.51 -5.42 12.35
N ASN B 76 5.42 -5.62 11.00
CA ASN B 76 5.86 -4.65 9.97
C ASN B 76 7.31 -4.19 10.20
N ALA B 77 8.25 -5.14 10.33
CA ALA B 77 9.68 -4.86 10.48
C ALA B 77 10.22 -4.38 9.12
N TRP B 78 10.43 -3.05 8.95
CA TRP B 78 10.88 -2.53 7.66
C TRP B 78 12.20 -1.78 7.66
N ALA B 79 12.85 -1.80 6.47
CA ALA B 79 13.89 -0.97 5.96
C ALA B 79 14.90 -0.53 7.04
N PRO B 80 15.80 -1.45 7.42
CA PRO B 80 16.74 -1.09 8.47
C PRO B 80 17.96 -0.37 7.95
N CYS B 81 18.79 0.07 8.89
CA CYS B 81 20.10 0.63 8.54
C CYS B 81 21.07 0.20 9.63
N ILE B 82 22.38 0.29 9.37
CA ILE B 82 23.34 -0.18 10.36
C ILE B 82 24.60 0.67 10.30
N GLU B 83 25.22 0.83 11.45
CA GLU B 83 26.50 1.53 11.55
C GLU B 83 27.45 0.64 12.31
N GLU B 84 28.66 0.49 11.81
CA GLU B 84 29.74 -0.23 12.50
C GLU B 84 30.69 0.81 13.12
N LYS B 85 31.00 0.69 14.41
CA LYS B 85 31.97 1.57 15.07
C LYS B 85 32.97 0.77 15.84
N LYS B 86 34.21 1.27 15.99
CA LYS B 86 35.21 0.61 16.82
C LYS B 86 35.30 1.43 18.09
N ILE B 87 34.85 0.88 19.22
CA ILE B 87 34.84 1.56 20.52
C ILE B 87 35.65 0.71 21.50
N ASP B 88 36.65 1.34 22.15
CA ASP B 88 37.52 0.72 23.17
C ASP B 88 38.17 -0.60 22.65
N GLY B 89 38.66 -0.57 21.41
CA GLY B 89 39.33 -1.67 20.76
C GLY B 89 38.45 -2.75 20.15
N LYS B 90 37.11 -2.60 20.26
CA LYS B 90 36.18 -3.60 19.75
C LYS B 90 35.10 -2.98 18.87
N TYR B 91 34.62 -3.76 17.91
CA TYR B 91 33.57 -3.29 17.00
C TYR B 91 32.21 -3.43 17.65
N LYS B 92 31.34 -2.45 17.40
CA LYS B 92 29.96 -2.39 17.91
C LYS B 92 29.06 -2.06 16.75
N TYR B 93 27.81 -2.57 16.74
CA TYR B 93 26.91 -2.33 15.61
C TYR B 93 25.63 -1.71 16.12
N PHE B 94 25.14 -0.73 15.38
CA PHE B 94 23.92 -0.02 15.76
C PHE B 94 22.97 -0.17 14.63
N PHE B 95 21.93 -0.98 14.86
CA PHE B 95 20.93 -1.37 13.87
C PHE B 95 19.62 -0.63 14.15
N TYR B 96 19.20 0.25 13.24
CA TYR B 96 17.95 1.03 13.40
C TYR B 96 16.93 0.52 12.42
N TYR B 97 15.66 0.65 12.77
CA TYR B 97 14.60 0.09 11.92
C TYR B 97 13.28 0.71 12.30
N SER B 98 12.21 0.40 11.55
CA SER B 98 10.89 0.84 11.95
C SER B 98 10.03 -0.40 12.10
N ALA B 99 9.04 -0.34 12.99
CA ALA B 99 8.10 -1.44 13.22
C ALA B 99 6.78 -0.89 13.73
N ASN B 100 5.74 -1.74 13.66
CA ASN B 100 4.45 -1.36 14.19
C ASN B 100 4.47 -1.56 15.72
N PRO B 101 4.16 -0.53 16.52
CA PRO B 101 4.13 -0.75 17.98
C PRO B 101 2.86 -1.50 18.41
N THR B 102 2.95 -2.22 19.55
CA THR B 102 1.83 -2.96 20.15
C THR B 102 0.69 -1.98 20.52
N THR B 103 1.01 -0.70 20.71
CA THR B 103 0.04 0.36 21.05
C THR B 103 -0.77 0.82 19.83
N ASN B 104 -0.28 0.50 18.60
CA ASN B 104 -0.85 0.89 17.30
C ASN B 104 -0.97 2.44 17.18
N LYS B 105 0.04 3.17 17.69
CA LYS B 105 0.06 4.63 17.60
C LYS B 105 0.83 5.12 16.33
N GLY B 106 0.92 4.26 15.31
CA GLY B 106 1.64 4.54 14.06
C GLY B 106 3.05 3.95 14.07
N LYS B 107 3.70 3.74 12.89
CA LYS B 107 5.05 3.17 12.90
C LYS B 107 6.03 4.04 13.69
N GLN B 108 7.00 3.38 14.35
CA GLN B 108 8.02 4.02 15.16
C GLN B 108 9.39 3.43 14.85
N ILE B 109 10.43 4.18 15.15
CA ILE B 109 11.81 3.78 14.86
C ILE B 109 12.49 3.31 16.14
N GLY B 110 13.13 2.15 16.07
CA GLY B 110 13.85 1.58 17.19
C GLY B 110 15.31 1.33 16.88
N VAL B 111 16.04 0.78 17.86
CA VAL B 111 17.48 0.49 17.71
C VAL B 111 17.84 -0.79 18.45
N ALA B 112 18.67 -1.61 17.83
CA ALA B 112 19.22 -2.84 18.41
C ALA B 112 20.72 -2.80 18.29
N VAL B 113 21.43 -3.46 19.20
CA VAL B 113 22.91 -3.42 19.21
C VAL B 113 23.51 -4.81 19.18
N ALA B 114 24.72 -4.93 18.62
CA ALA B 114 25.45 -6.19 18.54
C ALA B 114 26.94 -5.97 18.56
N ASP B 115 27.70 -7.04 18.82
CA ASP B 115 29.16 -7.06 18.80
C ASP B 115 29.68 -7.74 17.50
N SER B 116 28.75 -8.16 16.62
CA SER B 116 29.02 -8.82 15.34
C SER B 116 28.04 -8.31 14.29
N PRO B 117 28.40 -8.23 12.98
CA PRO B 117 27.38 -7.82 11.99
C PRO B 117 26.29 -8.90 11.82
N THR B 118 26.48 -10.13 12.38
CA THR B 118 25.47 -11.18 12.25
C THR B 118 24.77 -11.42 13.61
N GLY B 119 25.02 -10.55 14.58
CA GLY B 119 24.38 -10.65 15.89
C GLY B 119 25.08 -11.57 16.87
N PRO B 120 24.41 -11.97 17.99
CA PRO B 120 23.02 -11.66 18.39
C PRO B 120 22.81 -10.16 18.60
N PHE B 121 21.64 -9.65 18.19
CA PHE B 121 21.26 -8.24 18.33
C PHE B 121 20.30 -8.10 19.53
N THR B 122 20.51 -7.06 20.36
CA THR B 122 19.67 -6.81 21.54
C THR B 122 18.96 -5.48 21.34
N ASP B 123 17.60 -5.54 21.26
CA ASP B 123 16.81 -4.33 21.12
C ASP B 123 16.91 -3.47 22.38
N LEU B 124 16.87 -2.15 22.19
CA LEU B 124 16.84 -1.21 23.31
C LEU B 124 15.67 -1.50 24.30
N GLY B 125 14.54 -1.97 23.77
CA GLY B 125 13.36 -2.29 24.58
C GLY B 125 12.27 -1.24 24.50
N LYS B 126 12.53 -0.18 23.72
CA LYS B 126 11.61 0.92 23.48
C LYS B 126 11.97 1.62 22.16
N PRO B 127 11.02 2.27 21.45
CA PRO B 127 11.42 3.01 20.23
C PRO B 127 12.17 4.30 20.60
N ILE B 128 12.84 4.92 19.62
CA ILE B 128 13.62 6.15 19.87
C ILE B 128 13.07 7.36 19.08
N ILE B 129 12.25 7.13 18.03
CA ILE B 129 11.58 8.20 17.30
C ILE B 129 10.11 7.79 17.24
N THR B 130 9.21 8.65 17.78
CA THR B 130 7.80 8.34 17.86
C THR B 130 6.89 9.50 17.42
N SER B 131 7.44 10.55 16.78
CA SER B 131 6.61 11.65 16.30
C SER B 131 7.18 12.28 15.06
N SER B 132 6.34 12.95 14.26
CA SER B 132 6.77 13.65 13.07
C SER B 132 7.10 15.13 13.38
N PRO B 133 8.24 15.65 12.87
CA PRO B 133 8.56 17.08 13.08
C PRO B 133 7.66 17.99 12.24
N THR B 134 6.83 17.40 11.33
CA THR B 134 5.89 18.15 10.51
C THR B 134 4.46 17.90 10.97
N GLY B 135 4.28 16.92 11.85
CA GLY B 135 2.95 16.48 12.30
C GLY B 135 2.29 15.53 11.30
N ARG B 136 2.94 15.33 10.11
CA ARG B 136 2.43 14.53 9.01
C ARG B 136 3.47 13.49 8.56
N GLY B 137 3.14 12.69 7.57
CA GLY B 137 4.03 11.62 7.13
C GLY B 137 4.12 10.52 8.17
N GLN B 138 5.21 9.72 8.12
CA GLN B 138 5.39 8.56 9.00
C GLN B 138 6.82 8.41 9.44
N GLN B 139 7.00 7.82 10.64
CA GLN B 139 8.35 7.64 11.23
C GLN B 139 8.91 6.28 10.77
N ILE B 140 9.32 6.22 9.49
CA ILE B 140 9.87 5.02 8.86
C ILE B 140 11.03 5.41 7.97
N ASP B 141 11.80 4.41 7.43
CA ASP B 141 12.89 4.59 6.48
C ASP B 141 14.06 5.31 7.10
N VAL B 142 14.52 4.77 8.23
CA VAL B 142 15.63 5.33 8.98
C VAL B 142 16.96 5.03 8.26
N ASP B 143 17.92 5.97 8.37
CA ASP B 143 19.28 5.83 7.85
C ASP B 143 20.21 6.39 8.93
N VAL B 144 21.43 5.87 8.99
CA VAL B 144 22.41 6.31 9.99
C VAL B 144 23.67 6.67 9.23
N PHE B 145 24.34 7.75 9.64
CA PHE B 145 25.56 8.21 8.96
C PHE B 145 26.50 8.86 9.95
N THR B 146 27.79 8.52 9.89
CA THR B 146 28.81 9.18 10.69
C THR B 146 29.54 10.17 9.79
N ASP B 147 29.51 11.44 10.17
CA ASP B 147 30.21 12.49 9.46
C ASP B 147 31.73 12.29 9.62
N PRO B 148 32.50 12.00 8.54
CA PRO B 148 33.96 11.81 8.70
C PRO B 148 34.70 13.06 9.12
N VAL B 149 34.06 14.24 8.95
CA VAL B 149 34.65 15.52 9.35
C VAL B 149 34.79 15.60 10.86
N SER B 150 33.73 15.24 11.58
CA SER B 150 33.68 15.41 13.05
C SER B 150 33.66 14.13 13.86
N GLY B 151 33.24 13.04 13.26
CA GLY B 151 33.06 11.78 13.98
C GLY B 151 31.67 11.72 14.61
N LYS B 152 30.83 12.78 14.45
CA LYS B 152 29.47 12.79 14.99
C LYS B 152 28.57 11.91 14.08
N SER B 153 27.60 11.24 14.68
CA SER B 153 26.66 10.37 13.95
C SER B 153 25.30 11.02 13.91
N TYR B 154 24.56 10.71 12.85
CA TYR B 154 23.23 11.28 12.59
C TYR B 154 22.26 10.24 12.15
N LEU B 155 20.96 10.45 12.48
CA LEU B 155 19.88 9.63 11.91
C LEU B 155 19.08 10.49 10.97
N TYR B 156 18.65 9.88 9.89
CA TYR B 156 17.77 10.49 8.89
C TYR B 156 16.57 9.59 8.76
N TRP B 157 15.40 10.13 8.49
CA TRP B 157 14.22 9.27 8.37
C TRP B 157 13.09 10.00 7.75
N GLY B 158 12.02 9.27 7.45
CA GLY B 158 10.76 9.89 7.03
C GLY B 158 10.17 9.52 5.70
N ASN B 159 8.86 9.30 5.75
CA ASN B 159 7.99 9.14 4.60
C ASN B 159 7.13 10.39 4.59
N GLY B 160 7.03 11.06 3.44
CA GLY B 160 6.28 12.31 3.30
C GLY B 160 7.14 13.52 3.63
N TYR B 161 8.02 13.37 4.63
CA TYR B 161 9.02 14.36 5.01
C TYR B 161 10.34 13.68 5.16
N ALA B 163 13.74 14.04 7.72
CA ALA B 163 14.29 14.71 8.90
C ALA B 163 15.64 14.14 9.20
N GLY B 164 16.44 14.95 9.87
CA GLY B 164 17.78 14.57 10.31
C GLY B 164 17.98 15.07 11.72
N ALA B 165 18.73 14.32 12.53
CA ALA B 165 19.04 14.74 13.90
C ALA B 165 20.36 14.14 14.31
N GLU B 166 21.07 14.81 15.21
CA GLU B 166 22.34 14.27 15.71
C GLU B 166 22.05 13.19 16.72
N LEU B 167 22.84 12.11 16.69
CA LEU B 167 22.71 11.05 17.68
C LEU B 167 23.53 11.38 18.92
N ASN B 168 23.05 10.95 20.10
CA ASN B 168 23.82 11.06 21.32
C ASN B 168 25.00 10.10 21.23
N ASP B 169 26.05 10.35 22.01
CA ASP B 169 27.29 9.56 21.95
C ASP B 169 27.07 8.04 22.02
N ASP B 170 26.20 7.55 22.93
CA ASP B 170 25.96 6.11 23.09
C ASP B 170 25.15 5.47 21.93
N LEU B 172 22.03 5.56 21.28
CA LEU B 172 20.72 5.00 21.61
C LEU B 172 19.58 6.04 21.68
N SER B 173 19.86 7.32 21.35
CA SER B 173 18.81 8.35 21.32
C SER B 173 19.27 9.47 20.44
N ILE B 174 18.35 10.24 19.89
CA ILE B 174 18.76 11.43 19.14
C ILE B 174 18.75 12.64 20.10
N LYS B 175 19.48 13.70 19.73
CA LYS B 175 19.50 14.97 20.44
C LYS B 175 18.32 15.72 19.86
N GLU B 176 17.17 15.66 20.54
CA GLU B 176 15.91 16.20 20.00
C GLU B 176 16.00 17.66 19.56
N GLU B 177 16.82 18.49 20.24
CA GLU B 177 17.01 19.89 19.90
C GLU B 177 17.71 20.09 18.52
N THR B 178 18.37 19.04 17.97
CA THR B 178 19.09 19.17 16.70
C THR B 178 18.23 18.75 15.49
N THR B 179 17.01 18.23 15.73
CA THR B 179 16.13 17.73 14.67
C THR B 179 15.80 18.86 13.68
N VAL B 180 16.09 18.60 12.41
CA VAL B 180 15.83 19.57 11.35
C VAL B 180 14.99 18.90 10.25
N VAL B 181 14.04 19.64 9.67
CA VAL B 181 13.25 19.14 8.55
C VAL B 181 14.05 19.45 7.30
N LEU B 182 14.47 18.40 6.57
CA LEU B 182 15.33 18.46 5.40
C LEU B 182 14.63 18.32 4.06
N THR B 183 13.32 17.98 4.08
CA THR B 183 12.54 17.70 2.89
C THR B 183 12.83 18.66 1.73
N PRO B 184 13.37 18.13 0.60
CA PRO B 184 13.55 18.97 -0.59
C PRO B 184 12.20 19.52 -1.10
N LYS B 185 12.13 20.83 -1.39
CA LYS B 185 10.88 21.44 -1.81
C LYS B 185 10.62 21.22 -3.29
N GLY B 186 9.35 21.05 -3.64
CA GLY B 186 8.88 20.89 -5.00
C GLY B 186 9.09 19.53 -5.65
N GLY B 187 9.20 19.57 -6.97
CA GLY B 187 9.38 18.40 -7.83
C GLY B 187 8.06 17.71 -8.09
N THR B 188 8.09 16.79 -9.06
CA THR B 188 6.93 15.99 -9.47
C THR B 188 7.32 14.52 -9.42
N LEU B 189 6.36 13.62 -9.66
CA LEU B 189 6.67 12.18 -9.69
C LEU B 189 7.58 11.85 -10.87
N GLN B 190 7.66 12.75 -11.86
CA GLN B 190 8.51 12.63 -13.04
C GLN B 190 9.95 13.11 -12.75
N THR B 191 10.13 13.92 -11.70
CA THR B 191 11.42 14.48 -11.34
C THR B 191 11.82 14.00 -9.95
N TYR B 192 11.84 14.89 -8.93
CA TYR B 192 12.40 14.57 -7.62
C TYR B 192 11.45 14.66 -6.40
N ALA B 193 10.13 14.77 -6.59
CA ALA B 193 9.19 14.89 -5.46
C ALA B 193 9.52 13.90 -4.36
N TYR B 194 9.73 14.39 -3.15
CA TYR B 194 10.14 13.53 -2.05
C TYR B 194 9.07 12.56 -1.61
N ARG B 195 9.41 11.25 -1.57
CA ARG B 195 8.45 10.31 -1.01
C ARG B 195 9.00 9.71 0.27
N GLU B 196 10.16 9.07 0.21
CA GLU B 196 10.72 8.36 1.36
C GLU B 196 12.13 7.89 1.09
N ALA B 197 12.62 6.97 1.94
CA ALA B 197 13.88 6.23 1.83
C ALA B 197 15.15 7.15 1.73
N PRO B 198 15.39 8.07 2.69
CA PRO B 198 16.60 8.90 2.58
C PRO B 198 17.87 8.07 2.79
N TYR B 199 18.96 8.48 2.14
CA TYR B 199 20.23 7.79 2.36
C TYR B 199 21.30 8.81 2.26
N VAL B 200 22.27 8.75 3.13
CA VAL B 200 23.31 9.80 3.18
C VAL B 200 24.71 9.23 3.06
N ILE B 201 25.52 9.89 2.22
CA ILE B 201 26.92 9.58 2.06
C ILE B 201 27.75 10.87 2.01
N TYR B 202 29.06 10.69 2.12
CA TYR B 202 30.04 11.77 1.98
C TYR B 202 31.04 11.30 0.97
N ARG B 203 31.33 12.15 0.00
CA ARG B 203 32.42 11.89 -0.90
C ARG B 203 33.18 13.20 -1.19
N LYS B 204 34.49 13.21 -0.88
CA LYS B 204 35.42 14.31 -1.21
C LYS B 204 34.86 15.68 -0.83
N GLY B 205 34.44 15.81 0.41
CA GLY B 205 33.97 17.08 0.93
C GLY B 205 32.54 17.44 0.64
N ILE B 206 31.77 16.55 -0.03
CA ILE B 206 30.37 16.80 -0.34
C ILE B 206 29.51 15.70 0.27
N TYR B 207 28.39 16.10 0.83
CA TYR B 207 27.38 15.24 1.40
C TYR B 207 26.37 15.00 0.34
N TYR B 208 26.08 13.73 0.06
CA TYR B 208 25.08 13.38 -0.95
C TYR B 208 23.88 12.78 -0.26
N PHE B 209 22.69 13.29 -0.61
CA PHE B 209 21.43 12.83 -0.04
C PHE B 209 20.62 12.17 -1.12
N PHE B 210 20.32 10.89 -0.92
CA PHE B 210 19.47 10.14 -1.85
C PHE B 210 18.08 10.00 -1.29
N TRP B 211 17.05 9.92 -2.17
CA TRP B 211 15.69 9.61 -1.72
C TRP B 211 14.95 8.98 -2.88
N SER B 212 13.83 8.37 -2.58
CA SER B 212 12.99 7.70 -3.56
C SER B 212 11.74 8.52 -3.82
N VAL B 213 11.29 8.44 -5.08
CA VAL B 213 10.17 9.19 -5.66
C VAL B 213 9.10 8.19 -6.09
N ASP B 214 7.83 8.56 -5.92
CA ASP B 214 6.69 7.75 -6.29
C ASP B 214 6.54 6.56 -5.30
N ASP B 215 5.57 5.69 -5.59
CA ASP B 215 5.19 4.53 -4.77
C ASP B 215 5.99 3.28 -5.14
N THR B 216 6.31 2.42 -4.16
CA THR B 216 7.08 1.20 -4.40
C THR B 216 6.38 0.16 -5.35
N GLY B 217 5.04 0.26 -5.52
CA GLY B 217 4.31 -0.62 -6.42
C GLY B 217 4.29 -0.06 -7.84
N SER B 218 4.83 1.15 -8.04
CA SER B 218 4.84 1.78 -9.36
C SER B 218 6.14 1.46 -10.12
N PRO B 219 6.07 1.24 -11.47
CA PRO B 219 7.32 1.04 -12.22
C PRO B 219 8.15 2.34 -12.20
N ASN B 220 7.51 3.48 -11.86
CA ASN B 220 8.17 4.77 -11.80
C ASN B 220 8.86 5.02 -10.43
N TYR B 221 8.83 4.04 -9.49
CA TYR B 221 9.57 4.15 -8.23
C TYR B 221 11.04 4.37 -8.58
N HIS B 222 11.63 5.51 -8.17
CA HIS B 222 12.99 5.80 -8.62
C HIS B 222 13.75 6.65 -7.61
N VAL B 223 15.08 6.71 -7.78
CA VAL B 223 16.05 7.38 -6.90
C VAL B 223 16.50 8.69 -7.51
N VAL B 224 16.52 9.72 -6.66
CA VAL B 224 17.04 11.03 -6.99
C VAL B 224 18.02 11.47 -5.89
N TYR B 225 18.76 12.55 -6.14
CA TYR B 225 19.69 13.03 -5.14
C TYR B 225 19.84 14.54 -5.13
N GLY B 226 20.41 15.01 -4.03
CA GLY B 226 20.78 16.39 -3.78
C GLY B 226 22.08 16.38 -3.02
N THR B 227 22.64 17.56 -2.79
CA THR B 227 23.91 17.68 -2.07
C THR B 227 23.82 18.79 -1.03
N ALA B 228 24.77 18.76 -0.08
CA ALA B 228 24.91 19.83 0.92
C ALA B 228 26.38 19.93 1.35
N GLN B 229 26.72 21.01 2.09
CA GLN B 229 28.09 21.16 2.59
C GLN B 229 28.11 20.83 4.09
N SER B 230 26.98 20.36 4.61
CA SER B 230 26.86 19.99 6.02
C SER B 230 25.97 18.76 6.14
N PRO B 231 26.16 17.91 7.17
CA PRO B 231 25.30 16.71 7.29
C PRO B 231 23.82 17.04 7.55
N LEU B 232 23.53 18.26 8.02
CA LEU B 232 22.13 18.63 8.29
C LEU B 232 21.64 19.70 7.31
N GLY B 233 22.13 19.62 6.07
CA GLY B 233 21.69 20.45 4.95
C GLY B 233 21.97 21.94 5.04
N PRO B 234 21.21 22.79 4.30
CA PRO B 234 20.05 22.47 3.43
C PRO B 234 20.44 21.69 2.16
N ILE B 235 19.53 20.85 1.70
CA ILE B 235 19.81 20.03 0.52
C ILE B 235 19.50 20.84 -0.74
N GLU B 236 20.44 20.82 -1.67
CA GLU B 236 20.26 21.44 -2.98
CA GLU B 236 20.29 21.45 -2.97
C GLU B 236 20.04 20.30 -3.97
N VAL B 237 18.84 20.21 -4.53
CA VAL B 237 18.52 19.16 -5.49
C VAL B 237 19.44 19.30 -6.72
N ALA B 238 20.01 18.18 -7.22
CA ALA B 238 20.88 18.21 -8.40
C ALA B 238 20.11 18.69 -9.65
N LYS B 239 20.83 19.34 -10.56
CA LYS B 239 20.32 19.86 -11.85
C LYS B 239 19.71 18.71 -12.68
N GLU B 240 20.44 17.55 -12.71
CA GLU B 240 20.00 16.31 -13.35
C GLU B 240 19.87 15.32 -12.18
N PRO B 241 18.73 15.32 -11.43
CA PRO B 241 18.71 14.55 -10.18
C PRO B 241 18.47 13.06 -10.28
N ILE B 242 18.02 12.52 -11.41
CA ILE B 242 17.71 11.09 -11.50
C ILE B 242 18.98 10.22 -11.44
N VAL B 243 19.07 9.38 -10.40
CA VAL B 243 20.19 8.46 -10.16
C VAL B 243 19.88 7.10 -10.80
N LEU B 244 18.65 6.62 -10.57
CA LEU B 244 18.25 5.28 -10.95
C LEU B 244 16.77 5.25 -11.23
N ILE B 245 16.40 4.77 -12.41
CA ILE B 245 15.03 4.71 -12.88
C ILE B 245 14.85 3.44 -13.71
N GLN B 246 13.59 3.06 -13.91
CA GLN B 246 13.22 1.86 -14.64
C GLN B 246 13.76 1.87 -16.07
N ASN B 247 13.96 0.66 -16.57
CA ASN B 247 14.31 0.42 -17.96
C ASN B 247 13.40 -0.70 -18.43
N PRO B 248 12.18 -0.34 -18.93
CA PRO B 248 11.22 -1.37 -19.37
C PRO B 248 11.76 -2.29 -20.47
N LYS B 249 12.69 -1.81 -21.32
CA LYS B 249 13.32 -2.61 -22.40
C LYS B 249 14.13 -3.80 -21.83
N GLU B 250 14.64 -3.69 -20.59
CA GLU B 250 15.41 -4.75 -19.94
C GLU B 250 14.60 -5.39 -18.81
N GLU B 251 13.30 -5.09 -18.78
CA GLU B 251 12.32 -5.56 -17.78
C GLU B 251 12.74 -5.17 -16.35
N ILE B 252 13.28 -3.94 -16.18
CA ILE B 252 13.68 -3.45 -14.86
C ILE B 252 12.64 -2.41 -14.45
N TYR B 253 11.90 -2.68 -13.37
CA TYR B 253 10.80 -1.80 -12.96
C TYR B 253 10.90 -1.40 -11.54
N GLY B 254 10.53 -0.13 -11.28
CA GLY B 254 10.54 0.44 -9.94
C GLY B 254 11.85 0.26 -9.16
N PRO B 255 13.05 0.49 -9.78
CA PRO B 255 14.31 0.34 -9.00
C PRO B 255 14.59 1.52 -8.05
N ALA B 256 14.39 1.32 -6.73
CA ALA B 256 14.66 2.39 -5.76
C ALA B 256 14.75 1.84 -4.35
N HIS B 257 14.51 2.71 -3.35
CA HIS B 257 14.76 2.49 -1.93
C HIS B 257 16.23 1.98 -1.76
N ASN B 258 17.17 2.85 -2.06
CA ASN B 258 18.55 2.42 -2.15
C ASN B 258 19.40 2.62 -0.91
N SER B 259 20.50 1.87 -0.88
CA SER B 259 21.65 2.13 -0.01
C SER B 259 22.86 2.31 -0.94
N ILE B 260 23.98 2.73 -0.37
CA ILE B 260 25.20 3.01 -1.16
C ILE B 260 26.36 2.35 -0.46
N LEU B 261 27.16 1.62 -1.24
CA LEU B 261 28.34 0.99 -0.73
C LEU B 261 29.58 1.66 -1.29
N GLN B 262 30.54 2.00 -0.44
CA GLN B 262 31.85 2.46 -0.90
C GLN B 262 32.82 1.31 -0.65
N VAL B 263 33.58 0.87 -1.67
CA VAL B 263 34.60 -0.17 -1.44
C VAL B 263 35.61 0.45 -0.47
N PRO B 264 35.96 -0.26 0.62
CA PRO B 264 36.82 0.34 1.65
C PRO B 264 38.12 0.93 1.11
N GLY B 265 38.31 2.20 1.42
CA GLY B 265 39.49 2.97 1.08
C GLY B 265 39.58 3.38 -0.38
N LYS B 266 38.53 3.08 -1.17
CA LYS B 266 38.65 3.37 -2.60
C LYS B 266 37.52 4.28 -3.05
N ASP B 267 37.75 5.04 -4.15
CA ASP B 267 36.70 5.83 -4.76
C ASP B 267 35.92 4.94 -5.73
N LYS B 268 35.33 3.85 -5.20
CA LYS B 268 34.62 2.84 -6.00
C LYS B 268 33.32 2.57 -5.29
N TRP B 269 32.22 2.73 -6.03
CA TRP B 269 30.89 2.75 -5.42
C TRP B 269 29.88 1.84 -6.10
N TYR B 270 28.89 1.42 -5.31
CA TYR B 270 27.78 0.58 -5.77
C TYR B 270 26.51 1.12 -5.16
N ILE B 271 25.41 1.01 -5.90
CA ILE B 271 24.08 1.34 -5.41
C ILE B 271 23.40 -0.01 -5.20
N VAL B 272 22.77 -0.19 -4.04
CA VAL B 272 22.05 -1.41 -3.67
C VAL B 272 20.61 -0.99 -3.54
N TYR B 273 19.68 -1.72 -4.15
CA TYR B 273 18.31 -1.26 -4.24
C TYR B 273 17.41 -2.44 -4.45
N HIS B 274 16.13 -2.19 -4.55
CA HIS B 274 15.22 -3.27 -4.91
C HIS B 274 14.52 -2.86 -6.19
N ARG B 275 13.89 -3.84 -6.86
CA ARG B 275 13.09 -3.63 -8.05
C ARG B 275 11.88 -4.54 -7.97
N ILE B 276 10.88 -4.24 -8.75
CA ILE B 276 9.67 -5.06 -8.78
C ILE B 276 9.98 -6.36 -9.55
N ASN B 277 9.74 -7.54 -8.95
CA ASN B 277 9.95 -8.79 -9.70
C ASN B 277 9.04 -8.77 -10.97
N LYS B 278 9.62 -9.03 -12.17
CA LYS B 278 8.93 -8.94 -13.45
C LYS B 278 7.67 -9.84 -13.54
N ASN B 279 7.53 -10.85 -12.65
CA ASN B 279 6.33 -11.70 -12.68
C ASN B 279 5.20 -11.15 -11.82
N HIS B 280 5.41 -9.98 -11.20
CA HIS B 280 4.41 -9.37 -10.32
C HIS B 280 4.14 -7.92 -10.68
N LEU B 281 4.49 -7.51 -11.91
CA LEU B 281 4.24 -6.16 -12.42
C LEU B 281 2.76 -5.78 -12.29
N ASN B 282 1.86 -6.76 -12.53
CA ASN B 282 0.42 -6.56 -12.41
C ASN B 282 -0.16 -7.56 -11.40
N ASP B 283 0.62 -7.98 -10.37
CA ASP B 283 0.16 -8.96 -9.37
C ASP B 283 0.86 -8.70 -8.03
N GLY B 284 0.42 -7.64 -7.35
CA GLY B 284 1.00 -7.18 -6.10
C GLY B 284 2.43 -6.65 -6.28
N PRO B 285 2.67 -5.72 -7.22
CA PRO B 285 4.05 -5.26 -7.46
C PRO B 285 4.74 -4.70 -6.19
N GLY B 286 3.97 -3.98 -5.35
CA GLY B 286 4.48 -3.35 -4.15
C GLY B 286 5.04 -4.26 -3.08
N TRP B 287 4.76 -5.58 -3.15
CA TRP B 287 5.25 -6.51 -2.13
C TRP B 287 5.88 -7.79 -2.73
N HIS B 288 6.33 -7.73 -3.99
CA HIS B 288 7.09 -8.82 -4.64
C HIS B 288 8.32 -8.21 -5.27
N ARG B 289 9.22 -7.74 -4.44
CA ARG B 289 10.39 -7.01 -4.91
C ARG B 289 11.63 -7.84 -4.70
N GLU B 290 12.73 -7.45 -5.29
CA GLU B 290 13.94 -8.26 -5.19
C GLU B 290 15.16 -7.32 -5.14
N VAL B 291 16.18 -7.72 -4.38
CA VAL B 291 17.39 -6.90 -4.12
C VAL B 291 18.46 -7.11 -5.18
N CYS B 292 18.98 -5.97 -5.67
CA CYS B 292 19.93 -5.82 -6.75
C CYS B 292 21.11 -4.97 -6.35
N ILE B 293 22.11 -4.97 -7.21
CA ILE B 293 23.28 -4.10 -7.02
C ILE B 293 23.76 -3.67 -8.39
N ASP B 294 24.35 -2.49 -8.44
CA ASP B 294 24.96 -2.01 -9.69
C ASP B 294 25.99 -0.98 -9.37
N ARG B 295 26.93 -0.77 -10.31
CA ARG B 295 27.98 0.23 -10.08
CA ARG B 295 27.99 0.24 -10.18
C ARG B 295 27.38 1.63 -10.20
N GLU B 297 28.88 5.72 -10.55
CA GLU B 297 30.08 6.50 -10.79
C GLU B 297 29.81 7.96 -10.55
N PHE B 298 30.86 8.67 -10.12
CA PHE B 298 30.86 10.11 -9.99
C PHE B 298 31.56 10.74 -11.18
N ASN B 299 31.03 11.84 -11.71
CA ASN B 299 31.66 12.62 -12.77
C ASN B 299 32.82 13.45 -12.19
N PRO B 300 33.76 13.97 -13.03
CA PRO B 300 34.85 14.80 -12.48
C PRO B 300 34.36 16.01 -11.69
N ASP B 301 33.21 16.65 -12.08
CA ASP B 301 32.66 17.84 -11.37
C ASP B 301 31.91 17.48 -10.05
N GLY B 302 31.85 16.19 -9.72
CA GLY B 302 31.21 15.77 -8.49
C GLY B 302 29.74 15.39 -8.63
N THR B 303 29.17 15.56 -9.82
CA THR B 303 27.78 15.11 -10.02
C THR B 303 27.77 13.58 -10.15
N ILE B 304 26.59 12.96 -10.02
CA ILE B 304 26.50 11.52 -10.14
C ILE B 304 26.12 11.18 -11.57
N LYS B 305 26.81 10.21 -12.16
CA LYS B 305 26.46 9.71 -13.49
C LYS B 305 25.23 8.80 -13.28
N GLN B 306 24.18 8.98 -14.06
CA GLN B 306 23.00 8.13 -13.91
C GLN B 306 23.39 6.64 -13.98
N VAL B 307 22.90 5.85 -13.04
CA VAL B 307 23.17 4.42 -12.97
C VAL B 307 22.56 3.71 -14.17
N ILE B 308 23.23 2.65 -14.65
CA ILE B 308 22.73 1.81 -15.72
C ILE B 308 22.36 0.49 -15.03
N PRO B 309 21.09 0.31 -14.64
CA PRO B 309 20.72 -0.92 -13.94
C PRO B 309 20.89 -2.14 -14.86
N THR B 310 21.37 -3.26 -14.32
CA THR B 310 21.56 -4.45 -15.17
C THR B 310 20.43 -5.46 -14.92
N PRO B 311 19.94 -6.16 -15.96
CA PRO B 311 18.84 -7.11 -15.76
C PRO B 311 19.25 -8.29 -14.85
#